data_5NCW
#
_entry.id   5NCW
#
_cell.length_a   62.600
_cell.length_b   74.280
_cell.length_c   84.380
_cell.angle_alpha   90.00
_cell.angle_beta   90.00
_cell.angle_gamma   90.00
#
_symmetry.space_group_name_H-M   'P 21 21 21'
#
loop_
_entity.id
_entity.type
_entity.pdbx_description
1 polymer 'Serpin-type proteinase inhibitor, miropin'
2 polymer 'Serpin-type proteinase inhibitor, miropin'
3 non-polymer 'ZINC ION'
4 non-polymer 'POTASSIUM ION'
5 non-polymer 'IODIDE ION'
6 non-polymer 'CHLORIDE ION'
7 non-polymer 2-AMINO-2-HYDROXYMETHYL-PROPANE-1,3-DIOL
8 non-polymer GLYCEROL
9 water water
#
loop_
_entity_poly.entity_id
_entity_poly.type
_entity_poly.pdbx_seq_one_letter_code
_entity_poly.pdbx_strand_id
1 'polypeptide(L)'
;GPLGSEKIEKDNAFAFDLLQTTRKHVTEANVFISPLSVSMALNMTLNGAAGVTADEMKTALRETGYTMEDINEYSHSLRE
ALLKVDPSTTIGMANSIWYKQGELVKEPFILANRTHYDAEVKAVDFSSPATLPAINGWCAQKTNDKITKILDYIPGNAFM
YLINAVYFKGIWVTQFKKSDTKRAPFRKADGTTQEVNMMAQKSTFGYTTDECCQYLEMDYGNKAFSMIVMLPNEGQTTRD
VIEQLDNKHWSMIIKGIRPTQVSLRMPRFKTECKYGLEKKILPEMGMNVPFTETADFPGITDAAIFISRVIHKTFVQVDE
EGTEAAAVTAVEMK
;
A
2 'polypeptide(L)' ATSSPSTTPINFHINKPFVFAIREKSTGVILFIGEIGEVKE B
#
loop_
_chem_comp.id
_chem_comp.type
_chem_comp.name
_chem_comp.formula
CL non-polymer 'CHLORIDE ION' 'Cl -1'
GOL non-polymer GLYCEROL 'C3 H8 O3'
IOD non-polymer 'IODIDE ION' 'I -1'
K non-polymer 'POTASSIUM ION' 'K 1'
TRS non-polymer 2-AMINO-2-HYDROXYMETHYL-PROPANE-1,3-DIOL 'C4 H12 N O3 1'
ZN non-polymer 'ZINC ION' 'Zn 2'
#
# COMPACT_ATOMS: atom_id res chain seq x y z
N GLY A 1 16.31 -16.34 4.99
CA GLY A 1 15.78 -17.60 4.47
C GLY A 1 14.40 -17.49 3.86
N PRO A 2 13.73 -18.64 3.57
CA PRO A 2 12.39 -18.59 2.95
C PRO A 2 11.37 -17.76 3.72
N LEU A 3 11.39 -17.79 5.07
CA LEU A 3 10.40 -17.04 5.89
C LEU A 3 10.95 -15.70 6.40
N GLY A 4 12.02 -15.26 5.77
CA GLY A 4 12.68 -13.99 6.07
C GLY A 4 12.97 -13.23 4.81
N SER A 5 14.27 -13.15 4.42
CA SER A 5 14.73 -12.42 3.24
C SER A 5 13.98 -12.80 1.95
N GLU A 6 13.77 -14.11 1.71
CA GLU A 6 13.11 -14.55 0.46
C GLU A 6 11.64 -14.09 0.38
N LYS A 7 10.92 -14.07 1.51
CA LYS A 7 9.50 -13.64 1.52
C LYS A 7 9.39 -12.12 1.31
N ILE A 8 10.37 -11.34 1.81
CA ILE A 8 10.40 -9.89 1.60
C ILE A 8 10.55 -9.60 0.09
N GLU A 9 11.42 -10.35 -0.59
CA GLU A 9 11.62 -10.20 -2.04
C GLU A 9 10.33 -10.52 -2.81
N LYS A 10 9.61 -11.56 -2.38
CA LYS A 10 8.34 -11.95 -3.02
C LYS A 10 7.25 -10.91 -2.73
N ASP A 11 7.26 -10.31 -1.53
CA ASP A 11 6.31 -9.24 -1.20
C ASP A 11 6.62 -8.00 -2.01
N ASN A 12 7.91 -7.68 -2.20
CA ASN A 12 8.20 -6.51 -2.99
C ASN A 12 7.93 -6.86 -4.46
N ALA A 13 8.07 -8.15 -4.88
CA ALA A 13 7.66 -8.54 -6.23
C ALA A 13 6.14 -8.34 -6.39
N PHE A 14 5.36 -8.67 -5.34
CA PHE A 14 3.90 -8.41 -5.35
C PHE A 14 3.65 -6.89 -5.47
N ALA A 15 4.39 -6.06 -4.71
CA ALA A 15 4.24 -4.61 -4.80
C ALA A 15 4.44 -4.11 -6.23
N PHE A 16 5.52 -4.56 -6.90
CA PHE A 16 5.75 -4.09 -8.27
C PHE A 16 4.74 -4.63 -9.24
N ASP A 17 4.32 -5.89 -9.10
CA ASP A 17 3.29 -6.45 -10.00
CA ASP A 17 3.31 -6.47 -9.99
C ASP A 17 1.96 -5.74 -9.78
N LEU A 18 1.62 -5.45 -8.51
CA LEU A 18 0.35 -4.74 -8.22
C LEU A 18 0.40 -3.34 -8.83
N LEU A 19 1.53 -2.64 -8.69
CA LEU A 19 1.63 -1.31 -9.28
C LEU A 19 1.52 -1.36 -10.80
N GLN A 20 2.27 -2.29 -11.44
CA GLN A 20 2.25 -2.42 -12.89
C GLN A 20 0.85 -2.75 -13.39
N THR A 21 0.18 -3.72 -12.72
CA THR A 21 -1.12 -4.17 -13.17
C THR A 21 -2.16 -3.08 -12.94
N THR A 22 -2.05 -2.35 -11.81
CA THR A 22 -3.00 -1.26 -11.56
C THR A 22 -2.83 -0.16 -12.61
N ARG A 23 -1.56 0.23 -12.89
CA ARG A 23 -1.25 1.27 -13.87
C ARG A 23 -1.81 0.93 -15.27
N LYS A 24 -1.75 -0.34 -15.63
CA LYS A 24 -2.25 -0.84 -16.93
C LYS A 24 -3.78 -0.64 -17.05
N HIS A 25 -4.52 -0.85 -15.96
CA HIS A 25 -5.97 -0.87 -16.01
C HIS A 25 -6.67 0.43 -15.60
N VAL A 26 -5.96 1.39 -15.00
CA VAL A 26 -6.59 2.65 -14.65
C VAL A 26 -6.09 3.75 -15.57
N THR A 27 -6.90 4.80 -15.76
CA THR A 27 -6.55 5.87 -16.70
C THR A 27 -6.15 7.15 -16.02
N GLU A 28 -6.33 7.25 -14.67
CA GLU A 28 -6.01 8.50 -13.98
C GLU A 28 -4.52 8.84 -14.04
N ALA A 29 -4.19 10.15 -13.90
CA ALA A 29 -2.79 10.58 -13.93
C ALA A 29 -2.02 10.02 -12.74
N ASN A 30 -2.66 9.95 -11.57
CA ASN A 30 -1.98 9.50 -10.36
C ASN A 30 -2.40 8.13 -9.96
N VAL A 31 -1.45 7.36 -9.41
CA VAL A 31 -1.66 6.01 -8.91
C VAL A 31 -1.04 5.96 -7.54
N PHE A 32 -1.78 5.45 -6.54
CA PHE A 32 -1.18 5.39 -5.20
C PHE A 32 -1.77 4.20 -4.48
N ILE A 33 -0.93 3.23 -4.16
CA ILE A 33 -1.41 1.99 -3.55
C ILE A 33 -0.58 1.61 -2.33
N SER A 34 -1.15 0.75 -1.47
CA SER A 34 -0.43 0.13 -0.37
C SER A 34 -0.47 -1.37 -0.61
N PRO A 35 0.57 -1.95 -1.21
CA PRO A 35 0.58 -3.42 -1.40
C PRO A 35 0.54 -4.15 -0.06
N LEU A 36 1.14 -3.59 1.00
CA LEU A 36 1.10 -4.18 2.35
C LEU A 36 -0.37 -4.31 2.80
N SER A 37 -1.17 -3.25 2.59
CA SER A 37 -2.58 -3.29 3.02
C SER A 37 -3.36 -4.36 2.25
N VAL A 38 -3.16 -4.42 0.92
CA VAL A 38 -3.87 -5.40 0.11
C VAL A 38 -3.50 -6.82 0.52
N SER A 39 -2.17 -7.10 0.65
CA SER A 39 -1.81 -8.47 0.98
CA SER A 39 -1.66 -8.40 1.06
C SER A 39 -2.24 -8.84 2.41
N MET A 40 -2.28 -7.89 3.35
CA MET A 40 -2.71 -8.22 4.70
CA MET A 40 -2.75 -8.15 4.71
C MET A 40 -4.21 -8.59 4.73
N ALA A 41 -5.07 -7.83 4.05
CA ALA A 41 -6.48 -8.17 4.04
C ALA A 41 -6.71 -9.47 3.33
N LEU A 42 -6.02 -9.69 2.19
CA LEU A 42 -6.20 -10.95 1.46
C LEU A 42 -5.63 -12.16 2.23
N ASN A 43 -4.50 -11.99 3.00
CA ASN A 43 -3.95 -13.10 3.79
C ASN A 43 -4.91 -13.48 4.92
N MET A 44 -5.62 -12.48 5.54
CA MET A 44 -6.64 -12.88 6.54
C MET A 44 -7.70 -13.78 5.90
N THR A 45 -8.16 -13.39 4.69
CA THR A 45 -9.20 -14.12 3.94
C THR A 45 -8.68 -15.50 3.53
N LEU A 46 -7.41 -15.55 3.11
CA LEU A 46 -6.77 -16.79 2.65
C LEU A 46 -6.82 -17.90 3.71
N ASN A 47 -6.83 -17.53 5.01
CA ASN A 47 -6.95 -18.52 6.09
C ASN A 47 -8.22 -19.39 5.96
N GLY A 48 -9.22 -18.91 5.21
CA GLY A 48 -10.44 -19.70 5.07
C GLY A 48 -10.53 -20.49 3.78
N ALA A 49 -9.62 -20.25 2.81
CA ALA A 49 -9.71 -20.83 1.47
C ALA A 49 -9.14 -22.26 1.39
N ALA A 50 -9.71 -23.05 0.46
CA ALA A 50 -9.25 -24.42 0.17
C ALA A 50 -9.00 -24.58 -1.33
N GLY A 51 -8.26 -25.63 -1.68
CA GLY A 51 -8.05 -26.04 -3.07
C GLY A 51 -7.57 -24.94 -4.00
N VAL A 52 -8.13 -24.89 -5.20
CA VAL A 52 -7.72 -23.91 -6.22
C VAL A 52 -8.03 -22.48 -5.76
N THR A 53 -9.07 -22.29 -4.89
CA THR A 53 -9.36 -20.94 -4.34
C THR A 53 -8.10 -20.43 -3.61
N ALA A 54 -7.52 -21.27 -2.72
CA ALA A 54 -6.30 -20.88 -1.99
C ALA A 54 -5.11 -20.75 -2.95
N ASP A 55 -4.95 -21.68 -3.89
CA ASP A 55 -3.81 -21.64 -4.80
C ASP A 55 -3.78 -20.34 -5.62
N GLU A 56 -4.94 -19.92 -6.15
CA GLU A 56 -5.01 -18.71 -6.98
C GLU A 56 -4.76 -17.46 -6.16
N MET A 57 -5.21 -17.44 -4.90
CA MET A 57 -4.90 -16.28 -4.03
C MET A 57 -3.38 -16.23 -3.77
N LYS A 58 -2.77 -17.40 -3.48
CA LYS A 58 -1.33 -17.44 -3.22
C LYS A 58 -0.57 -17.05 -4.48
N THR A 59 -1.06 -17.44 -5.68
CA THR A 59 -0.37 -17.04 -6.92
C THR A 59 -0.35 -15.51 -7.05
N ALA A 60 -1.52 -14.88 -6.90
CA ALA A 60 -1.61 -13.42 -7.04
C ALA A 60 -0.77 -12.69 -6.00
N LEU A 61 -0.69 -13.27 -4.77
CA LEU A 61 0.05 -12.64 -3.66
C LEU A 61 1.54 -12.96 -3.63
N ARG A 62 2.00 -13.79 -4.61
CA ARG A 62 3.38 -14.26 -4.70
CA ARG A 62 3.38 -14.29 -4.72
C ARG A 62 3.73 -15.08 -3.45
N GLU A 63 2.77 -15.90 -2.98
CA GLU A 63 2.97 -16.72 -1.79
C GLU A 63 2.85 -18.21 -2.09
N THR A 64 2.93 -18.61 -3.38
CA THR A 64 2.89 -20.04 -3.71
C THR A 64 4.02 -20.77 -2.99
N GLY A 65 3.73 -21.93 -2.42
CA GLY A 65 4.74 -22.73 -1.76
C GLY A 65 4.94 -22.41 -0.29
N TYR A 66 4.22 -21.38 0.21
CA TYR A 66 4.26 -21.06 1.65
C TYR A 66 3.04 -21.64 2.28
N THR A 67 3.21 -22.22 3.47
CA THR A 67 2.08 -22.71 4.24
C THR A 67 1.37 -21.53 4.93
N MET A 68 0.14 -21.74 5.34
CA MET A 68 -0.65 -20.73 6.05
CA MET A 68 -0.61 -20.69 6.04
C MET A 68 0.09 -20.32 7.34
N GLU A 69 0.62 -21.31 8.07
CA GLU A 69 1.36 -21.06 9.31
C GLU A 69 2.50 -20.11 9.03
N ASP A 70 3.24 -20.35 7.95
CA ASP A 70 4.37 -19.50 7.68
C ASP A 70 3.95 -18.11 7.20
N ILE A 71 2.89 -18.00 6.38
CA ILE A 71 2.39 -16.69 5.93
C ILE A 71 1.89 -15.89 7.15
N ASN A 72 1.12 -16.54 8.03
CA ASN A 72 0.60 -15.88 9.25
C ASN A 72 1.69 -15.42 10.19
N GLU A 73 2.69 -16.26 10.43
CA GLU A 73 3.78 -15.92 11.36
C GLU A 73 4.65 -14.83 10.75
N TYR A 74 4.85 -14.87 9.45
CA TYR A 74 5.61 -13.82 8.78
C TYR A 74 4.86 -12.47 8.90
N SER A 75 3.53 -12.48 8.64
CA SER A 75 2.69 -11.29 8.70
CA SER A 75 2.73 -11.27 8.70
C SER A 75 2.72 -10.68 10.11
N HIS A 76 2.61 -11.54 11.12
CA HIS A 76 2.60 -11.13 12.52
C HIS A 76 3.96 -10.47 12.84
N SER A 77 5.08 -11.11 12.42
CA SER A 77 6.42 -10.57 12.70
CA SER A 77 6.42 -10.60 12.70
C SER A 77 6.65 -9.26 11.99
N LEU A 78 6.18 -9.14 10.74
CA LEU A 78 6.35 -7.92 9.96
C LEU A 78 5.62 -6.77 10.62
N ARG A 79 4.35 -7.02 11.00
CA ARG A 79 3.51 -6.02 11.66
CA ARG A 79 3.53 -5.99 11.63
C ARG A 79 4.16 -5.52 12.95
N GLU A 80 4.64 -6.46 13.79
CA GLU A 80 5.28 -6.12 15.07
C GLU A 80 6.51 -5.27 14.82
N ALA A 81 7.33 -5.64 13.83
CA ALA A 81 8.56 -4.88 13.52
C ALA A 81 8.20 -3.45 13.08
N LEU A 82 7.24 -3.31 12.17
CA LEU A 82 6.87 -1.98 11.68
C LEU A 82 6.28 -1.07 12.78
N LEU A 83 5.52 -1.65 13.70
CA LEU A 83 4.89 -0.88 14.77
C LEU A 83 5.87 -0.39 15.82
N LYS A 84 7.04 -1.03 15.96
CA LYS A 84 7.92 -0.59 17.05
C LYS A 84 9.30 -0.05 16.62
N VAL A 85 9.65 -0.13 15.30
CA VAL A 85 10.99 0.26 14.88
C VAL A 85 11.30 1.76 15.11
N ASP A 86 10.30 2.64 15.01
CA ASP A 86 10.57 4.07 15.17
C ASP A 86 9.46 4.77 15.95
N PRO A 87 9.67 4.92 17.28
CA PRO A 87 8.65 5.63 18.10
C PRO A 87 8.45 7.10 17.68
N SER A 88 9.37 7.71 16.87
CA SER A 88 9.22 9.11 16.41
C SER A 88 8.40 9.21 15.11
N THR A 89 7.93 8.07 14.58
CA THR A 89 7.04 8.02 13.42
C THR A 89 5.73 7.39 13.90
N THR A 90 4.57 7.89 13.42
CA THR A 90 3.30 7.28 13.80
C THR A 90 2.98 6.20 12.79
N ILE A 91 2.78 4.96 13.25
CA ILE A 91 2.46 3.82 12.38
C ILE A 91 1.24 3.15 12.94
N GLY A 92 0.30 2.85 12.05
CA GLY A 92 -0.88 2.08 12.42
C GLY A 92 -1.03 0.91 11.46
N MET A 93 -1.37 -0.26 12.02
CA MET A 93 -1.66 -1.44 11.21
CA MET A 93 -1.57 -1.51 11.30
C MET A 93 -2.78 -2.14 11.94
N ALA A 94 -3.99 -1.88 11.46
CA ALA A 94 -5.18 -2.39 12.13
C ALA A 94 -5.94 -3.31 11.22
N ASN A 95 -6.59 -4.32 11.82
CA ASN A 95 -7.35 -5.29 11.06
C ASN A 95 -8.65 -5.56 11.76
N SER A 96 -9.72 -5.75 10.98
CA SER A 96 -11.02 -6.07 11.54
C SER A 96 -11.78 -7.02 10.64
N ILE A 97 -12.63 -7.85 11.28
CA ILE A 97 -13.50 -8.77 10.57
C ILE A 97 -14.90 -8.52 11.04
N TRP A 98 -15.82 -8.26 10.11
CA TRP A 98 -17.21 -7.95 10.41
C TRP A 98 -18.07 -9.00 9.77
N TYR A 99 -18.91 -9.75 10.51
CA TYR A 99 -19.66 -10.80 9.84
C TYR A 99 -21.12 -10.80 10.28
N LYS A 100 -21.99 -11.43 9.46
CA LYS A 100 -23.44 -11.42 9.66
C LYS A 100 -23.84 -12.10 10.98
N GLN A 101 -24.42 -11.31 11.91
CA GLN A 101 -24.87 -11.83 13.19
CA GLN A 101 -24.82 -11.87 13.18
C GLN A 101 -25.81 -13.02 12.97
N GLY A 102 -25.61 -14.08 13.73
CA GLY A 102 -26.46 -15.28 13.66
C GLY A 102 -25.89 -16.35 12.76
N GLU A 103 -24.87 -16.00 11.94
CA GLU A 103 -24.22 -16.98 11.07
C GLU A 103 -23.10 -17.63 11.84
N LEU A 104 -22.78 -18.87 11.47
CA LEU A 104 -21.68 -19.52 12.16
C LEU A 104 -20.40 -19.33 11.36
N VAL A 105 -19.42 -18.70 11.98
CA VAL A 105 -18.09 -18.50 11.42
C VAL A 105 -17.17 -19.37 12.27
N LYS A 106 -16.33 -20.20 11.62
CA LYS A 106 -15.51 -21.19 12.33
C LYS A 106 -14.51 -20.51 13.25
N GLU A 107 -14.43 -21.00 14.49
CA GLU A 107 -13.53 -20.42 15.49
C GLU A 107 -12.05 -20.52 15.11
N PRO A 108 -11.49 -21.60 14.52
CA PRO A 108 -10.04 -21.59 14.19
C PRO A 108 -9.67 -20.46 13.23
N PHE A 109 -10.59 -20.12 12.30
CA PHE A 109 -10.37 -18.98 11.37
C PHE A 109 -10.33 -17.66 12.13
N ILE A 110 -11.31 -17.45 13.01
CA ILE A 110 -11.36 -16.23 13.83
CA ILE A 110 -11.37 -16.23 13.82
C ILE A 110 -10.10 -16.13 14.70
N LEU A 111 -9.74 -17.24 15.36
CA LEU A 111 -8.58 -17.17 16.26
C LEU A 111 -7.26 -16.97 15.55
N ALA A 112 -7.10 -17.55 14.36
CA ALA A 112 -5.85 -17.31 13.61
C ALA A 112 -5.73 -15.83 13.30
N ASN A 113 -6.86 -15.20 12.91
CA ASN A 113 -6.85 -13.79 12.56
C ASN A 113 -6.70 -12.89 13.78
N ARG A 114 -7.31 -13.25 14.91
CA ARG A 114 -7.08 -12.48 16.13
C ARG A 114 -5.60 -12.55 16.53
N THR A 115 -5.01 -13.75 16.39
CA THR A 115 -3.64 -13.97 16.86
C THR A 115 -2.58 -13.31 16.00
N HIS A 116 -2.61 -13.59 14.69
CA HIS A 116 -1.52 -13.17 13.85
C HIS A 116 -1.72 -11.82 13.19
N TYR A 117 -2.97 -11.31 13.18
CA TYR A 117 -3.28 -10.02 12.57
C TYR A 117 -3.90 -9.04 13.58
N ASP A 118 -4.04 -9.45 14.85
CA ASP A 118 -4.70 -8.64 15.89
C ASP A 118 -6.09 -8.18 15.38
N ALA A 119 -6.76 -9.05 14.62
CA ALA A 119 -8.04 -8.69 14.05
C ALA A 119 -9.10 -8.49 15.13
N GLU A 120 -9.80 -7.36 15.04
CA GLU A 120 -10.97 -7.05 15.87
C GLU A 120 -12.16 -7.67 15.17
N VAL A 121 -12.82 -8.64 15.81
CA VAL A 121 -13.90 -9.42 15.22
C VAL A 121 -15.24 -8.98 15.78
N LYS A 122 -16.17 -8.68 14.88
CA LYS A 122 -17.50 -8.20 15.26
C LYS A 122 -18.60 -8.87 14.46
N ALA A 123 -19.63 -9.38 15.15
CA ALA A 123 -20.83 -9.96 14.55
C ALA A 123 -21.82 -8.81 14.49
N VAL A 124 -22.27 -8.43 13.28
CA VAL A 124 -23.11 -7.26 13.11
C VAL A 124 -24.36 -7.58 12.32
N ASP A 125 -25.39 -6.75 12.51
CA ASP A 125 -26.62 -6.85 11.77
C ASP A 125 -26.44 -5.94 10.57
N PHE A 126 -26.20 -6.52 9.39
CA PHE A 126 -25.91 -5.69 8.22
C PHE A 126 -27.10 -4.83 7.80
N SER A 127 -28.33 -5.15 8.30
CA SER A 127 -29.51 -4.36 7.95
C SER A 127 -29.66 -3.15 8.89
N SER A 128 -28.88 -3.07 9.97
CA SER A 128 -29.03 -1.94 10.90
C SER A 128 -28.42 -0.67 10.34
N PRO A 129 -29.13 0.47 10.46
CA PRO A 129 -28.52 1.76 10.07
C PRO A 129 -27.23 2.07 10.84
N ALA A 130 -26.95 1.35 11.96
CA ALA A 130 -25.74 1.58 12.73
C ALA A 130 -24.48 0.92 12.11
N THR A 131 -24.67 -0.08 11.24
CA THR A 131 -23.53 -0.89 10.79
C THR A 131 -22.60 -0.18 9.80
N LEU A 132 -23.15 0.46 8.74
CA LEU A 132 -22.28 1.18 7.80
C LEU A 132 -21.47 2.29 8.52
N PRO A 133 -22.04 3.15 9.41
CA PRO A 133 -21.20 4.13 10.11
C PRO A 133 -20.22 3.49 11.11
N ALA A 134 -20.55 2.30 11.67
CA ALA A 134 -19.60 1.63 12.56
C ALA A 134 -18.34 1.20 11.74
N ILE A 135 -18.57 0.62 10.52
CA ILE A 135 -17.47 0.16 9.68
C ILE A 135 -16.69 1.38 9.19
N ASN A 136 -17.38 2.37 8.63
CA ASN A 136 -16.64 3.52 8.09
C ASN A 136 -15.96 4.34 9.21
N GLY A 137 -16.60 4.40 10.37
CA GLY A 137 -16.04 5.08 11.54
C GLY A 137 -14.78 4.38 12.03
N TRP A 138 -14.74 3.04 11.96
CA TRP A 138 -13.52 2.31 12.32
C TRP A 138 -12.40 2.73 11.36
N CYS A 139 -12.72 2.77 10.05
CA CYS A 139 -11.70 3.19 9.06
C CYS A 139 -11.17 4.58 9.38
N ALA A 140 -12.08 5.51 9.69
CA ALA A 140 -11.65 6.87 10.02
C ALA A 140 -10.75 6.85 11.28
N GLN A 141 -11.13 6.08 12.29
CA GLN A 141 -10.37 5.98 13.53
C GLN A 141 -8.93 5.45 13.29
N LYS A 142 -8.77 4.53 12.32
CA LYS A 142 -7.47 3.92 12.05
C LYS A 142 -6.66 4.64 10.98
N THR A 143 -7.16 5.77 10.46
CA THR A 143 -6.43 6.52 9.42
C THR A 143 -6.36 8.01 9.74
N ASN A 144 -6.51 8.40 11.02
CA ASN A 144 -6.48 9.81 11.43
C ASN A 144 -7.50 10.62 10.62
N ASP A 145 -8.66 10.00 10.34
CA ASP A 145 -9.77 10.62 9.60
C ASP A 145 -9.41 10.97 8.15
N LYS A 146 -8.37 10.30 7.58
CA LYS A 146 -7.97 10.57 6.18
C LYS A 146 -8.75 9.71 5.20
N ILE A 147 -9.24 8.54 5.64
CA ILE A 147 -10.11 7.68 4.83
C ILE A 147 -11.34 7.49 5.70
N THR A 148 -12.40 8.23 5.39
CA THR A 148 -13.58 8.26 6.27
C THR A 148 -14.65 7.30 5.86
N LYS A 149 -14.58 6.79 4.63
CA LYS A 149 -15.54 5.80 4.15
C LYS A 149 -14.84 4.77 3.32
N ILE A 150 -15.03 3.50 3.61
CA ILE A 150 -14.55 2.45 2.72
C ILE A 150 -15.72 1.90 1.90
N LEU A 151 -16.94 2.01 2.43
CA LEU A 151 -18.15 1.55 1.75
C LEU A 151 -19.18 2.65 1.63
N ASP A 152 -19.88 2.73 0.49
CA ASP A 152 -21.05 3.60 0.35
C ASP A 152 -22.32 2.80 0.54
N TYR A 153 -22.23 1.48 0.36
CA TYR A 153 -23.39 0.62 0.53
C TYR A 153 -22.97 -0.77 0.93
N ILE A 154 -23.89 -1.49 1.58
CA ILE A 154 -23.72 -2.88 1.98
C ILE A 154 -24.77 -3.66 1.22
N PRO A 155 -24.39 -4.62 0.34
CA PRO A 155 -25.43 -5.41 -0.36
C PRO A 155 -26.24 -6.20 0.65
N GLY A 156 -27.53 -6.42 0.35
CA GLY A 156 -28.43 -7.14 1.25
C GLY A 156 -27.97 -8.52 1.70
N ASN A 157 -27.21 -9.21 0.84
CA ASN A 157 -26.71 -10.55 1.10
C ASN A 157 -25.23 -10.56 1.54
N ALA A 158 -24.74 -9.42 2.11
CA ALA A 158 -23.35 -9.41 2.61
C ALA A 158 -23.17 -10.48 3.70
N PHE A 159 -21.99 -11.14 3.71
CA PHE A 159 -21.72 -12.14 4.72
C PHE A 159 -20.58 -11.68 5.63
N MET A 160 -19.49 -11.18 5.04
CA MET A 160 -18.34 -10.78 5.82
C MET A 160 -17.53 -9.69 5.13
N TYR A 161 -16.94 -8.81 5.94
CA TYR A 161 -15.89 -7.88 5.52
C TYR A 161 -14.63 -8.18 6.29
N LEU A 162 -13.51 -8.24 5.58
CA LEU A 162 -12.19 -8.35 6.21
C LEU A 162 -11.47 -7.07 5.81
N ILE A 163 -11.14 -6.24 6.76
CA ILE A 163 -10.64 -4.89 6.48
C ILE A 163 -9.30 -4.67 7.15
N ASN A 164 -8.37 -4.12 6.36
CA ASN A 164 -7.07 -3.70 6.86
C ASN A 164 -6.93 -2.21 6.70
N ALA A 165 -6.29 -1.53 7.65
CA ALA A 165 -5.99 -0.10 7.56
C ALA A 165 -4.52 0.12 7.92
N VAL A 166 -3.74 0.69 7.00
CA VAL A 166 -2.34 1.06 7.24
C VAL A 166 -2.27 2.56 7.37
N TYR A 167 -1.56 3.08 8.39
CA TYR A 167 -1.46 4.51 8.58
C TYR A 167 -0.01 4.86 8.80
N PHE A 168 0.40 5.99 8.23
CA PHE A 168 1.79 6.43 8.38
C PHE A 168 1.82 7.94 8.54
N LYS A 169 2.54 8.44 9.52
CA LYS A 169 2.77 9.88 9.58
C LYS A 169 4.20 10.07 10.04
N GLY A 170 5.03 10.53 9.12
CA GLY A 170 6.45 10.74 9.41
C GLY A 170 6.84 12.18 9.27
N ILE A 171 7.89 12.57 10.01
CA ILE A 171 8.47 13.91 9.97
C ILE A 171 9.82 13.76 9.30
N TRP A 172 10.09 14.55 8.26
CA TRP A 172 11.39 14.48 7.60
C TRP A 172 12.51 14.66 8.58
N VAL A 173 13.61 13.90 8.39
CA VAL A 173 14.83 14.14 9.19
C VAL A 173 15.28 15.59 8.91
N THR A 174 15.21 16.01 7.63
CA THR A 174 15.58 17.35 7.21
CA THR A 174 15.55 17.39 7.27
C THR A 174 14.32 18.01 6.61
N GLN A 175 13.57 18.76 7.41
CA GLN A 175 12.36 19.40 6.91
C GLN A 175 12.67 20.55 5.96
N PHE A 176 11.72 20.84 5.12
CA PHE A 176 11.71 22.05 4.31
C PHE A 176 11.16 23.17 5.17
N LYS A 177 11.55 24.40 4.87
CA LYS A 177 10.93 25.55 5.55
C LYS A 177 9.86 26.11 4.63
N LYS A 178 8.61 26.30 5.15
CA LYS A 178 7.50 26.83 4.35
CA LYS A 178 7.50 26.83 4.33
C LYS A 178 7.88 28.17 3.70
N SER A 179 8.71 28.99 4.38
CA SER A 179 9.12 30.28 3.83
C SER A 179 10.02 30.15 2.57
N ASP A 180 10.53 28.92 2.30
CA ASP A 180 11.35 28.66 1.09
C ASP A 180 10.52 28.09 -0.05
N THR A 181 9.25 27.77 0.20
CA THR A 181 8.35 27.24 -0.82
C THR A 181 7.96 28.40 -1.73
N LYS A 182 8.06 28.17 -3.07
CA LYS A 182 7.77 29.19 -4.06
CA LYS A 182 7.74 29.21 -4.05
C LYS A 182 6.84 28.65 -5.14
N ARG A 183 6.09 29.54 -5.79
CA ARG A 183 5.26 29.11 -6.91
C ARG A 183 6.18 28.78 -8.07
N ALA A 184 5.95 27.63 -8.72
CA ALA A 184 6.81 27.21 -9.83
C ALA A 184 6.04 26.30 -10.76
N PRO A 185 6.46 26.19 -12.03
CA PRO A 185 5.77 25.28 -12.95
C PRO A 185 6.10 23.79 -12.70
N PHE A 186 5.12 22.92 -12.97
CA PHE A 186 5.24 21.49 -12.92
C PHE A 186 4.62 20.98 -14.21
N ARG A 187 5.36 20.15 -14.97
CA ARG A 187 4.89 19.57 -16.23
CA ARG A 187 4.82 19.61 -16.22
C ARG A 187 4.08 18.32 -15.93
N LYS A 188 2.78 18.31 -16.25
CA LYS A 188 1.93 17.16 -16.02
C LYS A 188 2.15 16.04 -17.03
N ALA A 189 1.69 14.83 -16.66
CA ALA A 189 1.78 13.67 -17.55
C ALA A 189 1.06 13.91 -18.88
N ASP A 190 0.00 14.75 -18.89
CA ASP A 190 -0.71 15.00 -20.14
C ASP A 190 -0.07 16.10 -21.02
N GLY A 191 1.11 16.60 -20.61
CA GLY A 191 1.82 17.61 -21.39
C GLY A 191 1.56 19.06 -21.06
N THR A 192 0.44 19.34 -20.32
CA THR A 192 0.14 20.72 -19.89
C THR A 192 1.05 21.00 -18.72
N THR A 193 1.20 22.26 -18.36
CA THR A 193 1.99 22.68 -17.21
C THR A 193 1.04 23.35 -16.24
N GLN A 194 1.30 23.17 -14.96
CA GLN A 194 0.50 23.77 -13.91
C GLN A 194 1.41 24.55 -12.97
N GLU A 195 0.86 25.45 -12.16
CA GLU A 195 1.67 26.14 -11.18
C GLU A 195 1.44 25.49 -9.83
N VAL A 196 2.53 25.15 -9.16
CA VAL A 196 2.46 24.45 -7.87
C VAL A 196 3.24 25.19 -6.76
N ASN A 197 3.09 24.69 -5.53
CA ASN A 197 3.86 25.18 -4.39
C ASN A 197 5.08 24.29 -4.31
N MET A 198 6.21 24.79 -4.84
CA MET A 198 7.45 24.02 -4.95
C MET A 198 8.31 24.25 -3.74
N MET A 199 8.43 23.20 -2.93
CA MET A 199 9.27 23.21 -1.73
C MET A 199 10.73 23.16 -2.15
N ALA A 200 11.62 23.75 -1.36
CA ALA A 200 13.03 23.78 -1.72
C ALA A 200 13.93 23.69 -0.51
N GLN A 201 15.04 22.95 -0.65
CA GLN A 201 16.07 22.89 0.37
C GLN A 201 17.33 22.33 -0.24
N LYS A 202 18.48 22.61 0.40
CA LYS A 202 19.75 22.04 -0.02
C LYS A 202 20.30 21.28 1.17
N SER A 203 20.48 19.95 1.05
CA SER A 203 21.01 19.13 2.14
CA SER A 203 21.02 19.13 2.14
C SER A 203 21.63 17.84 1.62
N THR A 204 22.11 17.01 2.56
CA THR A 204 22.67 15.70 2.26
C THR A 204 21.50 14.73 2.19
N PHE A 205 21.36 14.04 1.05
CA PHE A 205 20.37 13.02 0.83
C PHE A 205 21.01 11.83 0.17
N GLY A 206 20.38 10.67 0.32
CA GLY A 206 20.84 9.49 -0.39
C GLY A 206 20.49 9.67 -1.87
N TYR A 207 21.45 9.37 -2.76
CA TYR A 207 21.23 9.61 -4.18
C TYR A 207 21.93 8.56 -5.03
N THR A 208 21.35 8.26 -6.19
CA THR A 208 21.98 7.40 -7.18
C THR A 208 21.32 7.66 -8.54
N THR A 209 21.87 7.08 -9.60
CA THR A 209 21.35 7.22 -10.96
C THR A 209 21.51 5.92 -11.72
N ASP A 210 20.73 5.76 -12.79
CA ASP A 210 20.94 4.67 -13.75
C ASP A 210 20.61 5.21 -15.12
N GLU A 211 20.43 4.34 -16.14
CA GLU A 211 20.19 4.79 -17.50
C GLU A 211 19.00 5.77 -17.62
N CYS A 212 17.86 5.44 -17.01
CA CYS A 212 16.62 6.22 -17.14
C CYS A 212 16.52 7.41 -16.23
N CYS A 213 17.02 7.28 -14.99
CA CYS A 213 16.57 8.12 -13.90
C CYS A 213 17.61 8.59 -12.91
N GLN A 214 17.16 9.53 -12.05
CA GLN A 214 17.82 9.92 -10.83
C GLN A 214 16.97 9.37 -9.69
N TYR A 215 17.61 9.00 -8.57
CA TYR A 215 16.90 8.46 -7.39
C TYR A 215 17.33 9.22 -6.17
N LEU A 216 16.37 9.53 -5.29
CA LEU A 216 16.61 10.20 -4.04
C LEU A 216 15.98 9.45 -2.90
N GLU A 217 16.67 9.39 -1.76
CA GLU A 217 16.13 8.82 -0.54
C GLU A 217 16.03 9.93 0.50
N MET A 218 14.83 10.09 1.05
CA MET A 218 14.54 11.11 2.07
C MET A 218 14.07 10.42 3.31
N ASP A 219 14.85 10.50 4.40
CA ASP A 219 14.48 9.78 5.62
C ASP A 219 13.47 10.53 6.47
N TYR A 220 12.75 9.75 7.29
CA TYR A 220 11.88 10.26 8.34
C TYR A 220 12.45 9.86 9.69
N GLY A 221 12.01 10.55 10.74
CA GLY A 221 12.24 10.12 12.12
C GLY A 221 13.63 9.61 12.45
N ASN A 222 13.73 8.33 12.89
CA ASN A 222 15.03 7.77 13.30
C ASN A 222 15.75 7.07 12.14
N LYS A 223 15.30 7.33 10.89
CA LYS A 223 15.87 6.78 9.63
C LYS A 223 15.44 5.34 9.33
N ALA A 224 14.46 4.77 10.06
CA ALA A 224 13.95 3.42 9.74
C ALA A 224 13.08 3.47 8.49
N PHE A 225 12.28 4.54 8.37
CA PHE A 225 11.40 4.75 7.23
C PHE A 225 11.97 5.83 6.34
N SER A 226 11.75 5.70 5.04
CA SER A 226 12.18 6.70 4.08
C SER A 226 11.27 6.69 2.87
N MET A 227 11.37 7.76 2.12
CA MET A 227 10.75 7.92 0.83
C MET A 227 11.83 7.80 -0.23
N ILE A 228 11.56 6.97 -1.25
CA ILE A 228 12.40 6.86 -2.43
C ILE A 228 11.67 7.56 -3.56
N VAL A 229 12.33 8.53 -4.21
CA VAL A 229 11.75 9.22 -5.37
C VAL A 229 12.51 8.79 -6.62
N MET A 230 11.79 8.40 -7.67
CA MET A 230 12.38 7.99 -8.97
C MET A 230 12.00 9.05 -9.98
N LEU A 231 13.00 9.85 -10.38
CA LEU A 231 12.78 10.97 -11.27
C LEU A 231 13.35 10.65 -12.65
N PRO A 232 12.47 10.36 -13.65
CA PRO A 232 13.00 10.01 -14.97
C PRO A 232 13.73 11.19 -15.59
N ASN A 233 14.79 10.91 -16.36
CA ASN A 233 15.54 11.99 -17.02
C ASN A 233 14.70 12.63 -18.12
N GLU A 234 15.15 13.79 -18.67
CA GLU A 234 14.43 14.44 -19.77
C GLU A 234 14.21 13.46 -20.92
N GLY A 235 12.97 13.36 -21.38
CA GLY A 235 12.61 12.43 -22.47
C GLY A 235 12.24 11.02 -22.05
N GLN A 236 12.51 10.65 -20.76
CA GLN A 236 12.19 9.35 -20.16
C GLN A 236 10.85 9.46 -19.44
N THR A 237 10.14 8.34 -19.27
CA THR A 237 8.80 8.39 -18.69
C THR A 237 8.63 7.58 -17.41
N THR A 238 7.64 7.96 -16.58
CA THR A 238 7.32 7.18 -15.38
C THR A 238 6.74 5.84 -15.77
N ARG A 239 6.01 5.76 -16.92
CA ARG A 239 5.47 4.47 -17.38
C ARG A 239 6.61 3.46 -17.59
N ASP A 240 7.73 3.88 -18.20
CA ASP A 240 8.86 2.99 -18.41
C ASP A 240 9.48 2.55 -17.10
N VAL A 241 9.60 3.48 -16.10
CA VAL A 241 10.11 3.14 -14.75
C VAL A 241 9.23 2.04 -14.17
N ILE A 242 7.90 2.24 -14.20
CA ILE A 242 6.95 1.30 -13.60
C ILE A 242 7.07 -0.08 -14.26
N GLU A 243 7.17 -0.10 -15.58
CA GLU A 243 7.23 -1.35 -16.34
C GLU A 243 8.52 -2.11 -16.12
N GLN A 244 9.61 -1.42 -15.79
CA GLN A 244 10.90 -2.08 -15.60
CA GLN A 244 10.91 -2.07 -15.60
C GLN A 244 11.20 -2.36 -14.12
N LEU A 245 10.31 -1.92 -13.20
CA LEU A 245 10.55 -2.19 -11.79
C LEU A 245 10.38 -3.66 -11.45
N ASP A 246 11.33 -4.21 -10.69
CA ASP A 246 11.29 -5.57 -10.15
C ASP A 246 12.27 -5.64 -8.99
N ASN A 247 12.36 -6.77 -8.28
CA ASN A 247 13.29 -6.89 -7.14
C ASN A 247 14.71 -6.54 -7.49
N LYS A 248 15.20 -7.00 -8.66
CA LYS A 248 16.57 -6.72 -9.11
C LYS A 248 16.81 -5.22 -9.25
N HIS A 249 15.91 -4.50 -9.96
CA HIS A 249 16.04 -3.06 -10.19
C HIS A 249 15.95 -2.33 -8.86
N TRP A 250 14.99 -2.71 -7.99
CA TRP A 250 14.83 -2.07 -6.69
C TRP A 250 16.09 -2.27 -5.84
N SER A 251 16.62 -3.52 -5.81
CA SER A 251 17.85 -3.83 -5.06
C SER A 251 19.01 -2.97 -5.57
N MET A 252 19.12 -2.79 -6.92
CA MET A 252 20.14 -1.96 -7.57
CA MET A 252 20.18 -1.98 -7.51
C MET A 252 20.07 -0.52 -7.06
N ILE A 253 18.86 0.04 -6.97
CA ILE A 253 18.66 1.41 -6.50
C ILE A 253 19.13 1.52 -5.05
N ILE A 254 18.61 0.63 -4.17
CA ILE A 254 18.88 0.69 -2.73
C ILE A 254 20.39 0.56 -2.47
N LYS A 255 21.03 -0.41 -3.10
CA LYS A 255 22.47 -0.62 -2.89
C LYS A 255 23.34 0.50 -3.49
N GLY A 256 22.82 1.23 -4.47
CA GLY A 256 23.59 2.31 -5.11
C GLY A 256 23.54 3.66 -4.42
N ILE A 257 22.57 3.83 -3.50
CA ILE A 257 22.35 5.06 -2.74
CA ILE A 257 22.35 5.07 -2.75
C ILE A 257 23.62 5.46 -1.98
N ARG A 258 24.04 6.71 -2.16
CA ARG A 258 25.20 7.27 -1.46
C ARG A 258 24.83 8.64 -0.89
N PRO A 259 25.33 9.03 0.30
CA PRO A 259 25.06 10.40 0.80
C PRO A 259 25.68 11.44 -0.14
N THR A 260 24.85 12.39 -0.60
CA THR A 260 25.18 13.39 -1.61
C THR A 260 24.58 14.75 -1.27
N GLN A 261 25.31 15.86 -1.53
CA GLN A 261 24.74 17.19 -1.33
C GLN A 261 23.85 17.45 -2.52
N VAL A 262 22.57 17.70 -2.25
CA VAL A 262 21.58 17.87 -3.30
C VAL A 262 20.78 19.16 -3.10
N SER A 263 20.50 19.86 -4.22
CA SER A 263 19.56 20.98 -4.29
C SER A 263 18.23 20.34 -4.68
N LEU A 264 17.32 20.23 -3.70
CA LEU A 264 16.05 19.53 -3.90
C LEU A 264 14.90 20.50 -4.08
N ARG A 265 14.07 20.25 -5.10
CA ARG A 265 12.82 20.97 -5.36
C ARG A 265 11.76 19.90 -5.46
N MET A 266 10.73 19.98 -4.59
CA MET A 266 9.68 18.97 -4.52
C MET A 266 8.34 19.67 -4.32
N PRO A 267 7.31 19.36 -5.10
CA PRO A 267 6.02 20.02 -4.88
C PRO A 267 5.33 19.52 -3.63
N ARG A 268 4.58 20.40 -2.98
CA ARG A 268 3.63 19.97 -1.96
C ARG A 268 2.56 19.24 -2.75
N PHE A 269 2.17 18.04 -2.37
CA PHE A 269 1.17 17.36 -3.17
C PHE A 269 0.32 16.43 -2.33
N LYS A 270 -0.85 16.10 -2.86
CA LYS A 270 -1.78 15.20 -2.19
C LYS A 270 -2.49 14.41 -3.25
N THR A 271 -2.86 13.17 -2.93
CA THR A 271 -3.67 12.41 -3.87
C THR A 271 -4.50 11.41 -3.06
N GLU A 272 -5.69 11.12 -3.54
CA GLU A 272 -6.59 10.15 -2.97
C GLU A 272 -7.05 9.25 -4.11
N CYS A 273 -6.93 7.94 -3.92
CA CYS A 273 -7.26 6.97 -4.95
C CYS A 273 -8.23 5.91 -4.46
N LYS A 274 -8.95 5.30 -5.38
CA LYS A 274 -9.92 4.26 -5.05
C LYS A 274 -9.91 3.24 -6.18
N TYR A 275 -9.85 1.95 -5.82
CA TYR A 275 -9.81 0.84 -6.77
C TYR A 275 -10.78 -0.24 -6.39
N GLY A 276 -11.26 -0.96 -7.39
CA GLY A 276 -12.05 -2.18 -7.23
C GLY A 276 -11.14 -3.25 -7.79
N LEU A 277 -10.27 -3.81 -6.95
CA LEU A 277 -9.22 -4.73 -7.44
C LEU A 277 -9.74 -6.08 -7.97
N GLU A 278 -10.99 -6.44 -7.68
CA GLU A 278 -11.58 -7.68 -8.15
C GLU A 278 -11.93 -7.63 -9.64
N LYS A 279 -12.10 -6.43 -10.22
CA LYS A 279 -12.61 -6.30 -11.58
CA LYS A 279 -12.60 -6.31 -11.59
C LYS A 279 -11.64 -6.84 -12.64
N LYS A 280 -10.39 -6.37 -12.61
CA LYS A 280 -9.42 -6.76 -13.64
CA LYS A 280 -9.41 -6.72 -13.64
C LYS A 280 -8.04 -7.01 -13.07
N ILE A 281 -7.65 -6.23 -12.06
CA ILE A 281 -6.30 -6.28 -11.54
C ILE A 281 -5.96 -7.61 -10.86
N LEU A 282 -6.69 -8.03 -9.82
CA LEU A 282 -6.38 -9.32 -9.18
C LEU A 282 -6.61 -10.48 -10.16
N PRO A 283 -7.65 -10.47 -11.02
CA PRO A 283 -7.76 -11.57 -12.01
C PRO A 283 -6.52 -11.66 -12.92
N GLU A 284 -5.99 -10.51 -13.40
CA GLU A 284 -4.79 -10.56 -14.27
C GLU A 284 -3.60 -11.14 -13.52
N MET A 285 -3.51 -10.87 -12.21
CA MET A 285 -2.43 -11.40 -11.38
C MET A 285 -2.61 -12.88 -11.03
N GLY A 286 -3.71 -13.49 -11.48
CA GLY A 286 -3.96 -14.92 -11.29
C GLY A 286 -5.06 -15.31 -10.33
N MET A 287 -5.77 -14.33 -9.74
CA MET A 287 -6.83 -14.63 -8.78
C MET A 287 -8.18 -14.60 -9.49
N ASN A 288 -8.73 -15.75 -9.84
CA ASN A 288 -9.98 -15.82 -10.63
C ASN A 288 -11.10 -16.52 -9.89
N VAL A 289 -10.88 -17.79 -9.54
CA VAL A 289 -11.85 -18.66 -8.86
C VAL A 289 -12.44 -17.99 -7.59
N PRO A 290 -11.66 -17.27 -6.75
CA PRO A 290 -12.24 -16.75 -5.49
C PRO A 290 -13.35 -15.73 -5.66
N PHE A 291 -13.45 -15.14 -6.87
CA PHE A 291 -14.45 -14.13 -7.21
C PHE A 291 -15.71 -14.74 -7.84
N THR A 292 -15.76 -16.08 -7.91
CA THR A 292 -16.85 -16.81 -8.57
C THR A 292 -17.61 -17.70 -7.59
N GLU A 293 -18.77 -18.22 -8.05
CA GLU A 293 -19.60 -19.13 -7.27
C GLU A 293 -18.89 -20.48 -6.97
N THR A 294 -17.76 -20.80 -7.66
CA THR A 294 -17.01 -22.04 -7.41
C THR A 294 -15.95 -21.84 -6.29
N ALA A 295 -15.83 -20.61 -5.74
CA ALA A 295 -14.91 -20.36 -4.63
C ALA A 295 -15.25 -21.28 -3.46
N ASP A 296 -14.22 -21.71 -2.73
CA ASP A 296 -14.41 -22.61 -1.62
C ASP A 296 -13.72 -22.05 -0.39
N PHE A 297 -14.50 -21.65 0.62
CA PHE A 297 -13.99 -21.08 1.87
C PHE A 297 -14.47 -21.88 3.09
N PRO A 298 -14.16 -23.20 3.14
CA PRO A 298 -14.67 -24.02 4.27
C PRO A 298 -14.07 -23.67 5.61
N GLY A 299 -12.94 -22.94 5.63
CA GLY A 299 -12.37 -22.50 6.90
C GLY A 299 -13.19 -21.38 7.52
N ILE A 300 -14.03 -20.67 6.72
CA ILE A 300 -14.85 -19.59 7.29
C ILE A 300 -16.22 -20.10 7.69
N THR A 301 -16.90 -20.82 6.79
CA THR A 301 -18.25 -21.29 7.01
C THR A 301 -18.55 -22.51 6.14
N ASP A 302 -19.66 -23.22 6.42
CA ASP A 302 -20.11 -24.33 5.60
C ASP A 302 -20.84 -23.81 4.36
N ALA A 303 -21.37 -22.60 4.44
CA ALA A 303 -22.12 -21.99 3.35
C ALA A 303 -21.19 -21.64 2.18
N ALA A 304 -21.71 -21.72 0.95
CA ALA A 304 -20.92 -21.35 -0.22
C ALA A 304 -20.83 -19.84 -0.27
N ILE A 305 -19.62 -19.31 -0.13
CA ILE A 305 -19.40 -17.87 -0.19
C ILE A 305 -18.28 -17.60 -1.17
N PHE A 306 -18.16 -16.33 -1.59
CA PHE A 306 -17.11 -15.91 -2.50
C PHE A 306 -16.79 -14.46 -2.24
N ILE A 307 -15.71 -13.95 -2.85
CA ILE A 307 -15.31 -12.56 -2.70
C ILE A 307 -16.01 -11.75 -3.78
N SER A 308 -16.86 -10.81 -3.38
CA SER A 308 -17.57 -9.98 -4.35
C SER A 308 -16.78 -8.72 -4.72
N ARG A 309 -16.04 -8.13 -3.77
CA ARG A 309 -15.26 -6.93 -4.03
C ARG A 309 -14.00 -6.94 -3.20
N VAL A 310 -12.97 -6.29 -3.72
CA VAL A 310 -11.74 -5.98 -3.02
C VAL A 310 -11.55 -4.46 -3.20
N ILE A 311 -12.03 -3.68 -2.22
CA ILE A 311 -12.00 -2.23 -2.32
C ILE A 311 -10.71 -1.72 -1.70
N HIS A 312 -9.95 -0.91 -2.42
CA HIS A 312 -8.71 -0.37 -1.92
C HIS A 312 -8.73 1.15 -2.04
N LYS A 313 -8.65 1.86 -0.92
CA LYS A 313 -8.63 3.33 -0.95
C LYS A 313 -7.36 3.82 -0.30
N THR A 314 -6.80 4.91 -0.85
CA THR A 314 -5.55 5.45 -0.32
C THR A 314 -5.59 6.96 -0.26
N PHE A 315 -4.69 7.49 0.55
CA PHE A 315 -4.51 8.92 0.78
C PHE A 315 -3.05 9.18 1.00
N VAL A 316 -2.53 10.28 0.45
CA VAL A 316 -1.17 10.74 0.78
C VAL A 316 -1.11 12.24 0.69
N GLN A 317 -0.40 12.85 1.63
CA GLN A 317 -0.12 14.27 1.63
C GLN A 317 1.32 14.46 1.97
N VAL A 318 2.03 15.16 1.10
CA VAL A 318 3.44 15.45 1.28
C VAL A 318 3.58 16.96 1.44
N ASP A 319 4.30 17.39 2.48
CA ASP A 319 4.48 18.83 2.70
C ASP A 319 5.84 19.09 3.34
N GLU A 320 6.05 20.33 3.81
CA GLU A 320 7.34 20.73 4.30
C GLU A 320 7.77 19.96 5.54
N GLU A 321 6.81 19.50 6.36
CA GLU A 321 7.11 18.82 7.62
C GLU A 321 7.38 17.31 7.41
N GLY A 322 6.74 16.70 6.44
CA GLY A 322 6.87 15.26 6.25
C GLY A 322 5.86 14.68 5.30
N THR A 323 5.31 13.53 5.68
CA THR A 323 4.33 12.80 4.86
C THR A 323 3.32 12.10 5.73
N GLU A 324 2.06 12.20 5.35
CA GLU A 324 0.96 11.45 5.97
C GLU A 324 0.37 10.56 4.89
N ALA A 325 0.28 9.27 5.15
CA ALA A 325 -0.27 8.36 4.16
C ALA A 325 -1.19 7.35 4.84
N ALA A 326 -2.21 6.89 4.13
CA ALA A 326 -3.12 5.89 4.69
C ALA A 326 -3.68 5.02 3.58
N ALA A 327 -4.05 3.81 3.94
CA ALA A 327 -4.69 2.89 3.00
C ALA A 327 -5.68 2.02 3.74
N VAL A 328 -6.77 1.72 3.09
CA VAL A 328 -7.75 0.77 3.61
C VAL A 328 -8.01 -0.24 2.50
N THR A 329 -8.07 -1.52 2.86
CA THR A 329 -8.47 -2.59 1.94
C THR A 329 -9.61 -3.34 2.59
N ALA A 330 -10.76 -3.41 1.93
CA ALA A 330 -11.89 -4.19 2.43
C ALA A 330 -12.20 -5.31 1.45
N VAL A 331 -12.16 -6.54 1.95
CA VAL A 331 -12.58 -7.72 1.18
C VAL A 331 -14.01 -8.01 1.55
N GLU A 332 -14.91 -7.94 0.58
CA GLU A 332 -16.33 -8.20 0.79
C GLU A 332 -16.64 -9.61 0.36
N MET A 333 -17.36 -10.35 1.19
CA MET A 333 -17.78 -11.70 0.86
C MET A 333 -19.27 -11.83 0.95
N LYS A 334 -19.87 -12.60 0.03
CA LYS A 334 -21.31 -12.84 0.07
C LYS A 334 -21.60 -14.30 -0.34
N PRO B 9 26.38 21.20 -5.64
CA PRO B 9 25.46 20.09 -5.37
C PRO B 9 24.71 19.65 -6.62
N ILE B 10 24.20 18.41 -6.60
CA ILE B 10 23.43 17.85 -7.69
C ILE B 10 22.03 18.47 -7.64
N ASN B 11 21.39 18.72 -8.80
CA ASN B 11 20.01 19.18 -8.85
C ASN B 11 19.05 17.99 -8.93
N PHE B 12 18.06 17.97 -8.04
CA PHE B 12 17.01 16.96 -8.03
C PHE B 12 15.73 17.76 -7.99
N HIS B 13 15.29 18.18 -9.18
CA HIS B 13 14.18 19.11 -9.31
C HIS B 13 12.97 18.39 -9.84
N ILE B 14 12.01 18.17 -8.94
CA ILE B 14 10.81 17.39 -9.23
C ILE B 14 9.78 18.32 -9.86
N ASN B 15 9.95 18.58 -11.16
CA ASN B 15 9.06 19.51 -11.86
C ASN B 15 8.35 18.82 -13.03
N LYS B 16 8.25 17.50 -12.95
CA LYS B 16 7.60 16.64 -13.93
C LYS B 16 7.19 15.32 -13.24
N PRO B 17 6.48 14.39 -13.90
CA PRO B 17 6.00 13.18 -13.21
C PRO B 17 7.11 12.34 -12.62
N PHE B 18 6.79 11.69 -11.49
CA PHE B 18 7.72 10.89 -10.75
C PHE B 18 7.04 9.71 -10.13
N VAL B 19 7.82 8.69 -9.78
CA VAL B 19 7.38 7.52 -9.05
C VAL B 19 7.94 7.66 -7.64
N PHE B 20 7.18 7.23 -6.61
CA PHE B 20 7.72 7.30 -5.27
C PHE B 20 7.26 6.12 -4.44
N ALA B 21 8.01 5.81 -3.39
CA ALA B 21 7.69 4.71 -2.49
C ALA B 21 8.06 5.06 -1.09
N ILE B 22 7.27 4.56 -0.13
CA ILE B 22 7.59 4.71 1.28
C ILE B 22 7.97 3.32 1.75
N ARG B 23 9.20 3.16 2.24
CA ARG B 23 9.71 1.86 2.67
C ARG B 23 10.21 1.87 4.10
N GLU B 24 10.47 0.67 4.64
CA GLU B 24 11.04 0.52 5.96
C GLU B 24 12.29 -0.36 5.77
N LYS B 25 13.40 0.06 6.38
CA LYS B 25 14.71 -0.54 6.11
C LYS B 25 15.03 -1.83 6.84
N SER B 26 14.57 -2.03 8.09
CA SER B 26 14.93 -3.24 8.79
C SER B 26 14.22 -4.47 8.19
N THR B 27 12.97 -4.29 7.74
CA THR B 27 12.20 -5.36 7.11
C THR B 27 12.41 -5.37 5.61
N GLY B 28 12.70 -4.20 5.04
CA GLY B 28 12.86 -4.02 3.60
C GLY B 28 11.54 -3.80 2.87
N VAL B 29 10.42 -3.83 3.59
CA VAL B 29 9.10 -3.78 2.98
C VAL B 29 8.71 -2.39 2.44
N ILE B 30 7.98 -2.43 1.30
CA ILE B 30 7.41 -1.24 0.70
C ILE B 30 6.00 -1.08 1.26
N LEU B 31 5.74 -0.01 1.99
CA LEU B 31 4.41 0.22 2.58
C LEU B 31 3.47 0.83 1.55
N PHE B 32 3.97 1.80 0.77
CA PHE B 32 3.19 2.53 -0.23
C PHE B 32 4.01 2.74 -1.45
N ILE B 33 3.36 2.82 -2.62
CA ILE B 33 4.09 3.11 -3.84
C ILE B 33 3.12 3.78 -4.80
N GLY B 34 3.64 4.69 -5.59
CA GLY B 34 2.75 5.35 -6.53
C GLY B 34 3.45 6.19 -7.54
N GLU B 35 2.65 6.85 -8.35
CA GLU B 35 3.08 7.68 -9.48
C GLU B 35 2.30 8.96 -9.42
N ILE B 36 2.98 10.10 -9.58
CA ILE B 36 2.30 11.38 -9.61
C ILE B 36 2.49 12.04 -10.96
N GLY B 37 1.40 12.14 -11.72
CA GLY B 37 1.39 12.81 -13.03
C GLY B 37 0.75 14.19 -12.95
N GLU B 38 0.10 14.51 -11.81
CA GLU B 38 -0.60 15.78 -11.62
C GLU B 38 -0.52 16.15 -10.15
N VAL B 39 -0.13 17.40 -9.86
CA VAL B 39 -0.05 17.86 -8.48
C VAL B 39 -1.43 18.41 -8.05
N LYS B 40 -1.95 17.89 -6.95
CA LYS B 40 -3.21 18.35 -6.36
C LYS B 40 -2.98 18.86 -4.94
N GLU B 41 -3.87 19.73 -4.47
CA GLU B 41 -3.85 20.22 -3.09
C GLU B 41 -5.22 19.99 -2.42
ZN ZN C . 1.87 -14.89 15.37
ZN ZN D . 5.94 11.43 -18.02
K K E . -9.91 -1.53 -13.09
I IOD F . 1.11 -25.15 0.90
I IOD G . -26.66 0.35 3.16
I IOD H . 11.85 23.73 -10.09
I IOD I . 1.23 -9.23 4.92
CL CL J . -19.44 0.91 -1.87
CL CL K . 14.28 -16.55 8.01
CL CL L . 13.68 -6.50 -2.82
CL CL M . 5.13 -17.10 -6.27
CL CL N . -10.23 0.07 -10.56
CL CL O . -21.12 6.50 7.10
C TRS P . 10.42 -10.50 9.38
C TRS P . 10.48 -10.61 9.35
C1 TRS P . 9.28 -10.86 8.44
C1 TRS P . 10.48 -12.04 9.93
C2 TRS P . 10.07 -9.25 10.19
C2 TRS P . 10.25 -9.57 10.45
C3 TRS P . 11.72 -10.32 8.60
C3 TRS P . 9.40 -10.46 8.27
N TRS P . 10.60 -11.65 10.34
N TRS P . 11.82 -10.35 8.73
O1 TRS P . 8.18 -11.38 9.16
O1 TRS P . 11.05 -12.97 9.02
O2 TRS P . 10.97 -9.09 11.28
O2 TRS P . 11.33 -9.52 11.38
O3 TRS P . 12.24 -11.56 8.12
O3 TRS P . 8.11 -10.78 8.77
C1 GOL Q . -3.07 6.00 15.26
O1 GOL Q . -2.08 5.10 15.74
C2 GOL Q . -3.74 5.44 14.05
O2 GOL Q . -4.79 4.53 14.44
C3 GOL Q . -4.25 6.53 13.14
O3 GOL Q . -5.60 6.89 13.40
C1 GOL R . -3.13 -21.12 11.31
C1 GOL R . -2.77 -21.27 10.97
O1 GOL R . -2.77 -21.21 9.93
O1 GOL R . -2.15 -21.25 9.68
C2 GOL R . -1.91 -20.88 12.16
C2 GOL R . -1.74 -20.97 12.04
O2 GOL R . -1.19 -19.74 11.67
O2 GOL R . -1.18 -19.68 11.80
C3 GOL R . -2.29 -20.64 13.61
C3 GOL R . -2.33 -21.03 13.43
O3 GOL R . -1.13 -20.24 14.36
O3 GOL R . -3.11 -19.88 13.72
#